data_7VLZ
#
_entry.id   7VLZ
#
_cell.length_a   74.641
_cell.length_b   50.573
_cell.length_c   90.968
_cell.angle_alpha   90.000
_cell.angle_beta   104.980
_cell.angle_gamma   90.000
#
_symmetry.space_group_name_H-M   'P 1 21 1'
#
loop_
_entity.id
_entity.type
_entity.pdbx_description
1 polymer collagenase
2 polymer 'Peptide P1'
3 polymer 'Peptide P2'
4 non-polymer 'ZINC ION'
5 non-polymer 'CALCIUM ION'
6 water water
#
loop_
_entity_poly.entity_id
_entity_poly.type
_entity_poly.pdbx_seq_one_letter_code
_entity_poly.pdbx_strand_id
1 'polypeptide(L)'
;MELKNLTVAIATFFASTNALALSEPSQQVTEIYQHHAHQNGNDRALPDYAPTKLLPQQPKPTLRTLSTRSAEQAANVCDV
EAFTSNSSNDVLNAIKTQGASCVNALFSAESRIQEAAFESGHMYNIAKHTTDLAKAYAGGGSDELEALFLYLRAGYYAEF
YNSKVSFLSWVTPAVKEAVDAFVNNANFYENSDPHGKVLSEVIITMDSAGLQHAYLPQVTQWLTRWDSQYAQNWYMRNAV
NGVFTILFGGQWNEQFVQTIGNQTELAKALGDFALRSSAIGASDEFMAANAGRELGRLTKYSGSASSTVKSKLTEIFAQY
EMYGRGDAIWLGAADTVSYYADCSDYGICNFESQLKGLVLSQSYTCSPTIRILSQNMTQDQHVAACSKMGYEEGYFHTSL
ETGRQPVADDYNTQLQVNIFDSSDDYGKYAGPIFNISTNNGGMYLEGDPATPGNIPNFVAYEAPYANPDHFVWNLEHEYV
HYLDGRFDLYGGFGHPTERIVWWSEGIAEYVSKENDNQAAIDTIKDGSTFTLSEIFETSYDGFDVDRIYRWGYLAVRFMF
ERHKDDVNQMLIETRQGNWANYKATINQWAILYQSEFEQWQQALVLEHHHHHH
;
A
2 'polypeptide(L)' EPSQQVTEIYQHHA B
3 'polypeptide(L)' DYAPTKLLPQQP C
#
# COMPACT_ATOMS: atom_id res chain seq x y z
N CYS A 78 13.61 25.73 -4.75
CA CYS A 78 13.24 24.98 -5.94
C CYS A 78 12.51 25.83 -6.96
N ASP A 79 12.68 25.49 -8.23
CA ASP A 79 11.94 26.15 -9.31
C ASP A 79 11.70 25.10 -10.39
N VAL A 80 10.55 24.42 -10.30
CA VAL A 80 10.26 23.30 -11.20
C VAL A 80 10.19 23.75 -12.65
N GLU A 81 9.86 25.02 -12.90
CA GLU A 81 9.77 25.49 -14.28
C GLU A 81 11.13 25.53 -14.97
N ALA A 82 12.23 25.58 -14.21
CA ALA A 82 13.56 25.60 -14.82
C ALA A 82 13.85 24.31 -15.58
N PHE A 83 13.21 23.21 -15.19
CA PHE A 83 13.40 21.92 -15.87
C PHE A 83 12.68 21.83 -17.20
N THR A 84 11.96 22.86 -17.62
CA THR A 84 11.14 22.80 -18.83
C THR A 84 11.80 23.44 -20.05
N SER A 85 13.01 23.99 -19.91
CA SER A 85 13.67 24.65 -21.02
C SER A 85 13.92 23.69 -22.17
N ASN A 86 13.85 24.20 -23.40
CA ASN A 86 14.24 23.37 -24.54
C ASN A 86 15.71 23.03 -24.52
N SER A 87 16.55 23.82 -23.84
CA SER A 87 17.98 23.63 -23.88
C SER A 87 18.40 22.62 -22.83
N SER A 88 19.05 21.53 -23.26
CA SER A 88 19.48 20.51 -22.31
C SER A 88 20.48 21.07 -21.31
N ASN A 89 21.34 21.99 -21.74
CA ASN A 89 22.29 22.59 -20.80
C ASN A 89 21.56 23.36 -19.71
N ASP A 90 20.46 24.03 -20.05
CA ASP A 90 19.63 24.70 -19.05
C ASP A 90 19.11 23.69 -18.03
N VAL A 91 18.62 22.54 -18.51
CA VAL A 91 18.06 21.56 -17.60
C VAL A 91 19.15 20.94 -16.74
N LEU A 92 20.33 20.67 -17.34
CA LEU A 92 21.46 20.17 -16.57
C LEU A 92 21.85 21.14 -15.46
N ASN A 93 21.90 22.44 -15.78
CA ASN A 93 22.27 23.42 -14.77
C ASN A 93 21.23 23.49 -13.66
N ALA A 94 19.94 23.33 -14.01
CA ALA A 94 18.90 23.33 -12.98
C ALA A 94 19.06 22.12 -12.06
N ILE A 95 19.37 20.95 -12.63
CA ILE A 95 19.54 19.75 -11.81
C ILE A 95 20.69 19.96 -10.82
N LYS A 96 21.81 20.49 -11.31
CA LYS A 96 22.98 20.67 -10.47
C LYS A 96 22.72 21.69 -9.37
N THR A 97 22.13 22.83 -9.73
CA THR A 97 21.94 23.91 -8.76
C THR A 97 20.81 23.61 -7.77
N GLN A 98 19.74 22.92 -8.20
CA GLN A 98 18.60 22.72 -7.31
C GLN A 98 18.71 21.45 -6.49
N GLY A 99 19.37 20.41 -6.99
CA GLY A 99 19.58 19.22 -6.20
C GLY A 99 18.38 18.27 -6.16
N ALA A 100 18.62 17.15 -5.49
CA ALA A 100 17.66 16.05 -5.52
C ALA A 100 16.31 16.42 -4.89
N SER A 101 16.33 17.17 -3.78
CA SER A 101 15.06 17.45 -3.12
C SER A 101 14.12 18.27 -4.01
N CYS A 102 14.65 19.01 -4.97
CA CYS A 102 13.84 19.74 -5.94
C CYS A 102 13.46 18.88 -7.13
N VAL A 103 14.36 18.01 -7.57
CA VAL A 103 14.02 17.05 -8.62
C VAL A 103 12.85 16.18 -8.20
N ASN A 104 12.71 15.93 -6.89
CA ASN A 104 11.57 15.16 -6.40
C ASN A 104 10.25 15.64 -6.99
N ALA A 105 10.12 16.96 -7.21
CA ALA A 105 8.84 17.50 -7.65
C ALA A 105 8.42 16.93 -9.00
N LEU A 106 9.38 16.54 -9.84
CA LEU A 106 9.04 16.12 -11.19
C LEU A 106 8.26 14.81 -11.23
N PHE A 107 8.36 13.97 -10.18
CA PHE A 107 7.58 12.74 -10.14
C PHE A 107 6.08 13.03 -10.11
N SER A 108 5.68 14.15 -9.54
CA SER A 108 4.29 14.48 -9.31
C SER A 108 3.83 15.71 -10.07
N ALA A 109 4.72 16.32 -10.88
CA ALA A 109 4.40 17.58 -11.54
C ALA A 109 3.32 17.38 -12.59
N GLU A 110 2.65 18.49 -12.93
CA GLU A 110 1.64 18.46 -13.97
C GLU A 110 2.24 18.01 -15.29
N SER A 111 1.38 17.50 -16.18
CA SER A 111 1.86 16.85 -17.39
C SER A 111 2.71 17.78 -18.24
N ARG A 112 2.30 19.05 -18.36
CA ARG A 112 3.09 20.01 -19.13
C ARG A 112 4.55 20.04 -18.68
N ILE A 113 4.79 19.98 -17.36
CA ILE A 113 6.15 20.02 -16.85
C ILE A 113 6.88 18.72 -17.17
N GLN A 114 6.22 17.58 -16.92
CA GLN A 114 6.86 16.28 -17.21
C GLN A 114 7.17 16.13 -18.70
N GLU A 115 6.25 16.56 -19.57
CA GLU A 115 6.49 16.45 -21.01
C GLU A 115 7.72 17.23 -21.44
N ALA A 116 7.91 18.44 -20.89
CA ALA A 116 9.05 19.26 -21.26
C ALA A 116 10.34 18.74 -20.62
N ALA A 117 10.28 18.29 -19.36
CA ALA A 117 11.50 17.90 -18.66
C ALA A 117 12.06 16.58 -19.17
N PHE A 118 11.18 15.69 -19.61
CA PHE A 118 11.57 14.33 -19.93
C PHE A 118 11.49 14.07 -21.44
N GLU A 119 11.75 15.10 -22.23
CA GLU A 119 12.00 14.90 -23.65
C GLU A 119 13.14 13.92 -23.86
N SER A 120 13.02 13.09 -24.91
CA SER A 120 14.09 12.13 -25.22
C SER A 120 15.45 12.81 -25.29
N GLY A 121 15.52 13.98 -25.91
CA GLY A 121 16.81 14.65 -26.04
C GLY A 121 17.41 15.03 -24.70
N HIS A 122 16.58 15.45 -23.75
CA HIS A 122 17.09 15.77 -22.42
C HIS A 122 17.60 14.53 -21.71
N MET A 123 16.81 13.45 -21.74
CA MET A 123 17.25 12.20 -21.12
C MET A 123 18.60 11.78 -21.65
N TYR A 124 18.77 11.83 -22.98
CA TYR A 124 20.03 11.44 -23.59
C TYR A 124 21.17 12.36 -23.16
N ASN A 125 20.97 13.68 -23.26
CA ASN A 125 22.05 14.62 -22.96
C ASN A 125 22.41 14.58 -21.49
N ILE A 126 21.40 14.44 -20.62
CA ILE A 126 21.66 14.35 -19.19
C ILE A 126 22.38 13.05 -18.86
N ALA A 127 21.99 11.94 -19.49
CA ALA A 127 22.71 10.69 -19.28
C ALA A 127 24.17 10.79 -19.72
N LYS A 128 24.43 11.45 -20.86
CA LYS A 128 25.81 11.55 -21.34
C LYS A 128 26.67 12.36 -20.38
N HIS A 129 26.11 13.45 -19.82
CA HIS A 129 26.82 14.21 -18.80
C HIS A 129 27.06 13.36 -17.56
N THR A 130 26.04 12.59 -17.15
CA THR A 130 26.14 11.75 -15.97
C THR A 130 27.23 10.69 -16.13
N THR A 131 27.37 10.15 -17.34
CA THR A 131 28.44 9.18 -17.61
C THR A 131 29.81 9.75 -17.29
N ASP A 132 30.11 10.95 -17.81
CA ASP A 132 31.43 11.54 -17.56
C ASP A 132 31.63 11.81 -16.08
N LEU A 133 30.61 12.36 -15.43
CA LEU A 133 30.72 12.67 -14.01
C LEU A 133 30.88 11.41 -13.17
N ALA A 134 30.13 10.35 -13.52
CA ALA A 134 30.24 9.10 -12.77
C ALA A 134 31.62 8.48 -12.92
N LYS A 135 32.22 8.56 -14.12
CA LYS A 135 33.58 8.08 -14.30
C LYS A 135 34.55 8.82 -13.40
N ALA A 136 34.33 10.12 -13.19
CA ALA A 136 35.24 10.93 -12.40
C ALA A 136 35.02 10.82 -10.91
N TYR A 137 33.90 10.23 -10.48
CA TYR A 137 33.52 10.14 -9.08
C TYR A 137 34.63 9.55 -8.22
N ALA A 138 34.90 10.20 -7.08
CA ALA A 138 36.00 9.81 -6.22
C ALA A 138 35.55 9.29 -4.86
N GLY A 139 34.27 8.96 -4.72
CA GLY A 139 33.75 8.48 -3.46
C GLY A 139 33.31 9.61 -2.55
N GLY A 140 32.71 9.22 -1.43
CA GLY A 140 32.27 10.17 -0.43
C GLY A 140 30.97 10.88 -0.73
N GLY A 141 30.21 10.39 -1.70
CA GLY A 141 28.93 10.99 -2.05
C GLY A 141 29.06 12.03 -3.16
N SER A 142 27.93 12.34 -3.77
CA SER A 142 27.87 13.36 -4.82
C SER A 142 26.45 13.89 -4.87
N ASP A 143 26.25 15.14 -4.42
CA ASP A 143 24.93 15.75 -4.53
C ASP A 143 24.47 15.79 -5.98
N GLU A 144 25.40 16.10 -6.90
CA GLU A 144 25.00 16.24 -8.29
C GLU A 144 24.61 14.89 -8.89
N LEU A 145 25.42 13.85 -8.66
CA LEU A 145 25.09 12.54 -9.19
C LEU A 145 23.80 11.98 -8.58
N GLU A 146 23.57 12.22 -7.28
CA GLU A 146 22.28 11.85 -6.70
C GLU A 146 21.13 12.46 -7.47
N ALA A 147 21.24 13.76 -7.77
CA ALA A 147 20.17 14.46 -8.46
C ALA A 147 20.03 14.00 -9.90
N LEU A 148 21.16 13.71 -10.56
CA LEU A 148 21.12 13.32 -11.96
C LEU A 148 20.48 11.95 -12.13
N PHE A 149 20.88 10.97 -11.32
CA PHE A 149 20.26 9.66 -11.45
C PHE A 149 18.80 9.69 -11.00
N LEU A 150 18.49 10.48 -9.97
CA LEU A 150 17.10 10.66 -9.59
C LEU A 150 16.29 11.22 -10.75
N TYR A 151 16.84 12.22 -11.46
CA TYR A 151 16.14 12.78 -12.61
C TYR A 151 15.89 11.71 -13.67
N LEU A 152 16.92 10.92 -13.98
CA LEU A 152 16.78 9.93 -15.04
C LEU A 152 15.69 8.92 -14.72
N ARG A 153 15.70 8.37 -13.49
CA ARG A 153 14.66 7.41 -13.17
C ARG A 153 13.31 8.08 -12.92
N ALA A 154 13.28 9.37 -12.57
CA ALA A 154 12.03 10.10 -12.58
C ALA A 154 11.45 10.14 -13.98
N GLY A 155 12.32 10.25 -14.99
CA GLY A 155 11.85 10.24 -16.37
C GLY A 155 11.17 8.93 -16.74
N TYR A 156 11.74 7.80 -16.29
CA TYR A 156 11.09 6.51 -16.55
C TYR A 156 9.79 6.37 -15.77
N TYR A 157 9.71 6.96 -14.57
CA TYR A 157 8.46 6.98 -13.82
C TYR A 157 7.39 7.72 -14.61
N ALA A 158 7.72 8.92 -15.09
CA ALA A 158 6.79 9.69 -15.90
C ALA A 158 6.47 8.98 -17.21
N GLU A 159 7.46 8.36 -17.85
CA GLU A 159 7.19 7.67 -19.10
C GLU A 159 6.18 6.54 -18.89
N PHE A 160 6.27 5.87 -17.74
CA PHE A 160 5.35 4.77 -17.49
C PHE A 160 3.92 5.26 -17.31
N TYR A 161 3.74 6.34 -16.54
CA TYR A 161 2.41 6.78 -16.13
C TYR A 161 1.79 7.85 -17.02
N ASN A 162 2.59 8.56 -17.80
CA ASN A 162 2.11 9.71 -18.57
C ASN A 162 2.11 9.33 -20.04
N SER A 163 0.92 9.28 -20.64
CA SER A 163 0.81 8.88 -22.04
C SER A 163 1.49 9.85 -22.98
N LYS A 164 1.81 11.07 -22.54
CA LYS A 164 2.46 12.06 -23.38
C LYS A 164 3.97 12.12 -23.17
N VAL A 165 4.53 11.20 -22.39
CA VAL A 165 5.98 11.05 -22.26
C VAL A 165 6.35 9.70 -22.85
N SER A 166 7.15 9.72 -23.91
CA SER A 166 7.57 8.50 -24.58
C SER A 166 9.03 8.68 -24.99
N PHE A 167 9.83 7.64 -24.81
CA PHE A 167 11.25 7.72 -25.16
C PHE A 167 11.52 7.04 -26.49
N LEU A 168 12.32 7.69 -27.32
CA LEU A 168 12.89 7.04 -28.49
C LEU A 168 13.93 6.01 -28.06
N SER A 169 14.28 5.12 -28.98
CA SER A 169 15.06 3.94 -28.61
C SER A 169 16.50 4.27 -28.22
N TRP A 170 16.99 5.46 -28.57
CA TRP A 170 18.36 5.82 -28.23
C TRP A 170 18.50 6.39 -26.82
N VAL A 171 17.41 6.46 -26.06
CA VAL A 171 17.49 6.98 -24.68
C VAL A 171 18.10 5.95 -23.75
N THR A 172 17.51 4.76 -23.67
CA THR A 172 17.95 3.80 -22.66
C THR A 172 19.41 3.39 -22.80
N PRO A 173 19.98 3.21 -24.00
CA PRO A 173 21.42 2.90 -24.05
C PRO A 173 22.28 3.97 -23.42
N ALA A 174 21.91 5.24 -23.54
CA ALA A 174 22.68 6.30 -22.89
C ALA A 174 22.57 6.21 -21.37
N VAL A 175 21.38 5.87 -20.88
CA VAL A 175 21.18 5.69 -19.44
C VAL A 175 21.97 4.50 -18.94
N LYS A 176 21.96 3.38 -19.70
CA LYS A 176 22.75 2.21 -19.31
C LYS A 176 24.23 2.54 -19.27
N GLU A 177 24.71 3.36 -20.21
CA GLU A 177 26.10 3.79 -20.18
C GLU A 177 26.42 4.54 -18.88
N ALA A 178 25.49 5.37 -18.40
CA ALA A 178 25.73 6.13 -17.17
C ALA A 178 25.74 5.23 -15.95
N VAL A 179 24.79 4.28 -15.90
CA VAL A 179 24.80 3.32 -14.80
C VAL A 179 26.09 2.51 -14.82
N ASP A 180 26.51 2.04 -16.00
CA ASP A 180 27.78 1.33 -16.11
C ASP A 180 28.94 2.14 -15.54
N ALA A 181 28.97 3.44 -15.83
CA ALA A 181 30.10 4.26 -15.38
C ALA A 181 30.17 4.31 -13.86
N PHE A 182 29.01 4.35 -13.19
CA PHE A 182 28.99 4.33 -11.73
C PHE A 182 29.34 2.94 -11.19
N VAL A 183 28.82 1.89 -11.83
CA VAL A 183 29.06 0.52 -11.39
C VAL A 183 30.53 0.18 -11.53
N ASN A 184 31.18 0.64 -12.60
CA ASN A 184 32.57 0.29 -12.86
C ASN A 184 33.55 1.18 -12.12
N ASN A 185 33.07 2.22 -11.47
CA ASN A 185 33.91 3.09 -10.67
C ASN A 185 34.45 2.33 -9.45
N ALA A 186 35.73 2.55 -9.13
CA ALA A 186 36.36 1.82 -8.04
C ALA A 186 35.69 2.08 -6.69
N ASN A 187 34.88 3.13 -6.59
CA ASN A 187 34.23 3.51 -5.34
C ASN A 187 32.83 2.91 -5.18
N PHE A 188 32.42 2.02 -6.10
CA PHE A 188 31.03 1.56 -6.15
C PHE A 188 30.57 0.91 -4.84
N TYR A 189 31.45 0.14 -4.17
CA TYR A 189 31.04 -0.58 -2.96
C TYR A 189 31.39 0.17 -1.67
N GLU A 190 31.63 1.47 -1.74
CA GLU A 190 31.88 2.26 -0.54
C GLU A 190 30.74 2.09 0.46
N ASN A 191 31.09 2.09 1.76
CA ASN A 191 30.12 2.07 2.85
C ASN A 191 30.05 3.44 3.50
N SER A 192 29.03 4.22 3.16
CA SER A 192 28.83 5.50 3.83
C SER A 192 27.44 6.01 3.48
N ASP A 193 26.89 6.85 4.37
CA ASP A 193 25.60 7.45 4.07
C ASP A 193 25.66 8.37 2.85
N PRO A 194 26.65 9.26 2.70
CA PRO A 194 26.71 10.07 1.48
C PRO A 194 26.76 9.25 0.21
N HIS A 195 27.61 8.21 0.17
CA HIS A 195 27.63 7.34 -0.99
C HIS A 195 26.30 6.62 -1.16
N GLY A 196 25.69 6.18 -0.06
CA GLY A 196 24.41 5.51 -0.14
C GLY A 196 23.32 6.36 -0.78
N LYS A 197 23.39 7.68 -0.60
CA LYS A 197 22.36 8.55 -1.18
C LYS A 197 22.41 8.51 -2.71
N VAL A 198 23.60 8.56 -3.30
CA VAL A 198 23.69 8.48 -4.76
C VAL A 198 23.58 7.03 -5.24
N LEU A 199 24.25 6.10 -4.54
CA LEU A 199 24.16 4.69 -4.89
C LEU A 199 22.70 4.22 -4.95
N SER A 200 21.89 4.67 -3.98
CA SER A 200 20.47 4.28 -3.96
C SER A 200 19.79 4.60 -5.29
N GLU A 201 20.03 5.81 -5.80
CA GLU A 201 19.34 6.21 -7.02
C GLU A 201 19.86 5.46 -8.22
N VAL A 202 21.15 5.06 -8.21
CA VAL A 202 21.70 4.25 -9.29
C VAL A 202 21.07 2.86 -9.30
N ILE A 203 20.99 2.23 -8.11
CA ILE A 203 20.42 0.90 -8.05
C ILE A 203 18.94 0.92 -8.49
N ILE A 204 18.18 1.92 -8.04
CA ILE A 204 16.78 1.95 -8.48
C ILE A 204 16.68 2.19 -9.98
N THR A 205 17.59 2.99 -10.55
CA THR A 205 17.58 3.22 -12.00
C THR A 205 17.73 1.90 -12.76
N MET A 206 18.48 0.95 -12.21
CA MET A 206 18.60 -0.35 -12.85
C MET A 206 17.24 -1.00 -13.07
N ASP A 207 16.29 -0.78 -12.14
CA ASP A 207 14.94 -1.28 -12.33
C ASP A 207 14.11 -0.35 -13.21
N SER A 208 14.14 0.95 -12.91
CA SER A 208 13.27 1.89 -13.61
C SER A 208 13.52 1.89 -15.10
N ALA A 209 14.79 1.76 -15.50
CA ALA A 209 15.19 1.80 -16.90
C ALA A 209 15.10 0.44 -17.58
N GLY A 210 14.60 -0.59 -16.90
CA GLY A 210 14.46 -1.88 -17.52
C GLY A 210 15.77 -2.62 -17.73
N LEU A 211 16.72 -2.42 -16.82
CA LEU A 211 18.06 -2.99 -16.94
C LEU A 211 18.29 -4.09 -15.90
N GLN A 212 17.22 -4.80 -15.52
CA GLN A 212 17.33 -5.83 -14.49
C GLN A 212 18.20 -7.00 -14.92
N HIS A 213 18.36 -7.22 -16.23
CA HIS A 213 19.19 -8.30 -16.74
C HIS A 213 20.68 -7.95 -16.77
N ALA A 214 21.04 -6.69 -16.53
CA ALA A 214 22.37 -6.19 -16.86
C ALA A 214 23.35 -6.16 -15.70
N TYR A 215 22.88 -6.27 -14.45
CA TYR A 215 23.73 -6.04 -13.29
C TYR A 215 23.60 -7.16 -12.26
N LEU A 216 23.35 -8.38 -12.71
CA LEU A 216 23.19 -9.46 -11.74
C LEU A 216 24.50 -9.77 -10.99
N PRO A 217 25.69 -9.65 -11.60
CA PRO A 217 26.92 -9.83 -10.80
C PRO A 217 27.03 -8.82 -9.67
N GLN A 218 26.53 -7.61 -9.88
CA GLN A 218 26.56 -6.57 -8.85
C GLN A 218 25.53 -6.82 -7.78
N VAL A 219 24.34 -7.31 -8.17
CA VAL A 219 23.36 -7.74 -7.18
C VAL A 219 23.96 -8.80 -6.27
N THR A 220 24.62 -9.79 -6.87
CA THR A 220 25.26 -10.86 -6.11
C THR A 220 26.32 -10.31 -5.15
N GLN A 221 27.18 -9.40 -5.65
CA GLN A 221 28.21 -8.83 -4.80
C GLN A 221 27.61 -8.08 -3.62
N TRP A 222 26.58 -7.27 -3.86
CA TRP A 222 25.97 -6.53 -2.75
C TRP A 222 25.37 -7.49 -1.73
N LEU A 223 24.77 -8.59 -2.18
CA LEU A 223 24.17 -9.54 -1.25
C LEU A 223 25.23 -10.21 -0.38
N THR A 224 26.39 -10.55 -0.95
CA THR A 224 27.37 -11.25 -0.14
C THR A 224 28.22 -10.30 0.69
N ARG A 225 28.44 -9.07 0.19
CA ARG A 225 29.24 -8.10 0.92
C ARG A 225 28.51 -7.52 2.12
N TRP A 226 27.19 -7.59 2.12
CA TRP A 226 26.41 -6.94 3.17
C TRP A 226 26.82 -7.49 4.54
N ASP A 227 26.96 -6.58 5.50
CA ASP A 227 27.37 -6.97 6.85
C ASP A 227 26.89 -5.92 7.84
N SER A 228 27.27 -6.10 9.12
CA SER A 228 26.78 -5.22 10.15
C SER A 228 27.33 -3.80 10.02
N GLN A 229 28.50 -3.64 9.39
CA GLN A 229 29.04 -2.30 9.17
C GLN A 229 28.23 -1.53 8.14
N TYR A 230 27.90 -2.16 7.00
CA TYR A 230 27.00 -1.52 6.05
C TYR A 230 25.66 -1.21 6.69
N ALA A 231 25.17 -2.12 7.53
CA ALA A 231 23.83 -1.99 8.09
C ALA A 231 23.70 -0.84 9.07
N GLN A 232 24.81 -0.24 9.51
CA GLN A 232 24.73 0.93 10.37
C GLN A 232 24.19 2.17 9.64
N ASN A 233 24.22 2.17 8.31
CA ASN A 233 24.01 3.39 7.53
C ASN A 233 22.66 3.35 6.83
N TRP A 234 21.78 4.28 7.22
CA TRP A 234 20.40 4.33 6.70
C TRP A 234 20.37 4.26 5.17
N TYR A 235 21.24 5.03 4.52
CA TYR A 235 21.14 5.13 3.07
C TYR A 235 21.80 3.95 2.37
N MET A 236 22.73 3.25 3.04
CA MET A 236 23.20 1.99 2.50
C MET A 236 22.11 0.93 2.59
N ARG A 237 21.32 0.94 3.66
CA ARG A 237 20.17 0.05 3.74
C ARG A 237 19.18 0.33 2.60
N ASN A 238 18.86 1.61 2.36
CA ASN A 238 18.03 1.97 1.22
C ASN A 238 18.59 1.41 -0.08
N ALA A 239 19.90 1.60 -0.28
CA ALA A 239 20.53 1.29 -1.56
C ALA A 239 20.51 -0.20 -1.84
N VAL A 240 21.00 -1.00 -0.89
CA VAL A 240 21.06 -2.43 -1.14
C VAL A 240 19.68 -3.05 -1.12
N ASN A 241 18.74 -2.48 -0.36
CA ASN A 241 17.36 -2.96 -0.44
C ASN A 241 16.82 -2.82 -1.86
N GLY A 242 17.37 -1.88 -2.64
CA GLY A 242 16.97 -1.73 -4.03
C GLY A 242 17.19 -2.96 -4.88
N VAL A 243 18.10 -3.86 -4.49
CA VAL A 243 18.29 -5.03 -5.35
C VAL A 243 17.06 -5.93 -5.33
N PHE A 244 16.25 -5.87 -4.28
CA PHE A 244 15.02 -6.65 -4.28
C PHE A 244 13.98 -6.05 -5.21
N THR A 245 14.02 -4.72 -5.39
CA THR A 245 13.21 -4.07 -6.41
C THR A 245 13.62 -4.53 -7.80
N ILE A 246 14.94 -4.65 -8.04
CA ILE A 246 15.43 -5.16 -9.32
C ILE A 246 14.91 -6.57 -9.57
N LEU A 247 15.04 -7.46 -8.58
CA LEU A 247 14.60 -8.84 -8.79
C LEU A 247 13.10 -8.89 -9.04
N PHE A 248 12.33 -8.11 -8.30
CA PHE A 248 10.89 -8.09 -8.51
C PHE A 248 10.53 -7.57 -9.89
N GLY A 249 11.14 -6.45 -10.29
CA GLY A 249 10.82 -5.85 -11.57
C GLY A 249 11.30 -6.68 -12.74
N GLY A 250 12.32 -7.51 -12.52
CA GLY A 250 12.84 -8.37 -13.58
C GLY A 250 11.83 -9.35 -14.14
N GLN A 251 10.72 -9.60 -13.42
CA GLN A 251 9.70 -10.53 -13.91
C GLN A 251 9.17 -10.13 -15.28
N TRP A 252 9.19 -8.83 -15.60
CA TRP A 252 8.68 -8.29 -16.85
C TRP A 252 9.76 -8.08 -17.90
N ASN A 253 10.98 -8.54 -17.63
CA ASN A 253 12.13 -8.34 -18.50
C ASN A 253 12.49 -9.68 -19.11
N GLU A 254 12.28 -9.83 -20.42
CA GLU A 254 12.47 -11.14 -21.05
C GLU A 254 13.90 -11.66 -20.87
N GLN A 255 14.90 -10.80 -21.04
CA GLN A 255 16.27 -11.26 -20.87
C GLN A 255 16.53 -11.70 -19.44
N PHE A 256 15.97 -10.98 -18.46
CA PHE A 256 16.10 -11.40 -17.06
C PHE A 256 15.44 -12.76 -16.84
N VAL A 257 14.22 -12.92 -17.33
CA VAL A 257 13.49 -14.18 -17.11
C VAL A 257 14.26 -15.37 -17.69
N GLN A 258 14.97 -15.16 -18.81
CA GLN A 258 15.67 -16.27 -19.44
C GLN A 258 17.03 -16.57 -18.79
N THR A 259 17.60 -15.63 -18.02
CA THR A 259 18.91 -15.87 -17.44
C THR A 259 18.90 -16.05 -15.93
N ILE A 260 17.88 -15.55 -15.22
CA ILE A 260 17.95 -15.52 -13.76
C ILE A 260 18.02 -16.93 -13.19
N GLY A 261 17.32 -17.87 -13.82
CA GLY A 261 17.29 -19.25 -13.34
C GLY A 261 18.60 -19.99 -13.50
N ASN A 262 19.58 -19.40 -14.17
CA ASN A 262 20.91 -19.97 -14.31
C ASN A 262 21.93 -19.35 -13.37
N GLN A 263 21.50 -18.45 -12.48
CA GLN A 263 22.42 -17.66 -11.67
C GLN A 263 22.59 -18.34 -10.31
N THR A 264 23.43 -19.38 -10.29
CA THR A 264 23.60 -20.17 -9.08
C THR A 264 24.24 -19.34 -7.96
N GLU A 265 25.25 -18.51 -8.30
CA GLU A 265 25.91 -17.72 -7.27
C GLU A 265 24.97 -16.66 -6.70
N LEU A 266 24.13 -16.05 -7.55
CA LEU A 266 23.12 -15.11 -7.05
C LEU A 266 22.18 -15.81 -6.08
N ALA A 267 21.69 -16.99 -6.46
CA ALA A 267 20.75 -17.72 -5.60
C ALA A 267 21.38 -18.06 -4.26
N LYS A 268 22.66 -18.48 -4.27
CA LYS A 268 23.34 -18.78 -3.02
C LYS A 268 23.47 -17.53 -2.16
N ALA A 269 23.90 -16.42 -2.78
CA ALA A 269 24.08 -15.19 -2.02
C ALA A 269 22.76 -14.67 -1.48
N LEU A 270 21.69 -14.78 -2.29
CA LEU A 270 20.38 -14.32 -1.86
C LEU A 270 19.86 -15.13 -0.68
N GLY A 271 19.97 -16.46 -0.76
CA GLY A 271 19.59 -17.30 0.36
C GLY A 271 20.42 -17.04 1.60
N ASP A 272 21.73 -16.88 1.42
CA ASP A 272 22.59 -16.66 2.59
C ASP A 272 22.36 -15.29 3.20
N PHE A 273 21.93 -14.30 2.40
CA PHE A 273 21.51 -13.01 2.94
C PHE A 273 20.28 -13.17 3.83
N ALA A 274 19.29 -13.93 3.35
CA ALA A 274 18.09 -14.17 4.12
C ALA A 274 18.37 -14.94 5.39
N LEU A 275 19.40 -15.79 5.39
CA LEU A 275 19.73 -16.64 6.53
C LEU A 275 20.66 -15.98 7.54
N ARG A 276 21.07 -14.74 7.30
CA ARG A 276 22.00 -14.03 8.17
C ARG A 276 21.33 -13.75 9.51
N SER A 277 21.73 -14.51 10.54
CA SER A 277 21.05 -14.41 11.84
C SER A 277 21.16 -13.01 12.43
N SER A 278 22.24 -12.29 12.13
CA SER A 278 22.43 -10.96 12.71
C SER A 278 21.42 -9.93 12.20
N ALA A 279 20.65 -10.26 11.16
CA ALA A 279 19.61 -9.34 10.72
C ALA A 279 18.40 -9.31 11.64
N ILE A 280 18.17 -10.38 12.42
CA ILE A 280 16.95 -10.50 13.20
C ILE A 280 16.94 -9.46 14.31
N GLY A 281 15.85 -8.69 14.39
CA GLY A 281 15.73 -7.62 15.36
C GLY A 281 16.58 -6.41 15.09
N ALA A 282 17.32 -6.37 13.98
CA ALA A 282 18.22 -5.28 13.68
C ALA A 282 17.62 -4.37 12.62
N SER A 283 18.34 -3.26 12.35
CA SER A 283 17.86 -2.26 11.40
C SER A 283 17.62 -2.83 10.01
N ASP A 284 18.27 -3.92 9.65
CA ASP A 284 18.16 -4.50 8.31
C ASP A 284 17.32 -5.77 8.26
N GLU A 285 16.54 -6.07 9.32
CA GLU A 285 15.66 -7.24 9.24
C GLU A 285 14.73 -7.16 8.03
N PHE A 286 14.23 -5.97 7.72
CA PHE A 286 13.30 -5.84 6.61
C PHE A 286 13.94 -6.27 5.29
N MET A 287 15.26 -6.08 5.18
CA MET A 287 15.98 -6.52 3.98
C MET A 287 16.08 -8.05 3.93
N ALA A 288 16.37 -8.69 5.07
CA ALA A 288 16.42 -10.15 5.11
C ALA A 288 15.06 -10.75 4.74
N ALA A 289 13.97 -10.14 5.21
CA ALA A 289 12.64 -10.61 4.86
C ALA A 289 12.38 -10.45 3.36
N ASN A 290 12.78 -9.30 2.79
CA ASN A 290 12.64 -9.10 1.35
C ASN A 290 13.46 -10.14 0.58
N ALA A 291 14.64 -10.49 1.10
CA ALA A 291 15.46 -11.51 0.44
C ALA A 291 14.75 -12.86 0.43
N GLY A 292 14.17 -13.25 1.58
CA GLY A 292 13.45 -14.50 1.62
C GLY A 292 12.30 -14.52 0.63
N ARG A 293 11.55 -13.42 0.53
CA ARG A 293 10.44 -13.35 -0.41
C ARG A 293 10.93 -13.46 -1.85
N GLU A 294 12.01 -12.73 -2.20
CA GLU A 294 12.50 -12.81 -3.58
C GLU A 294 13.12 -14.17 -3.89
N LEU A 295 13.74 -14.82 -2.90
CA LEU A 295 14.22 -16.19 -3.11
C LEU A 295 13.07 -17.13 -3.42
N GLY A 296 11.97 -17.04 -2.68
CA GLY A 296 10.82 -17.86 -2.99
C GLY A 296 10.26 -17.58 -4.38
N ARG A 297 10.34 -16.32 -4.80
CA ARG A 297 9.86 -15.97 -6.14
C ARG A 297 10.70 -16.63 -7.23
N LEU A 298 11.96 -16.95 -6.94
CA LEU A 298 12.82 -17.55 -7.96
C LEU A 298 12.36 -18.95 -8.35
N THR A 299 11.49 -19.59 -7.55
CA THR A 299 10.95 -20.90 -7.93
C THR A 299 10.09 -20.81 -9.18
N LYS A 300 9.69 -19.62 -9.63
CA LYS A 300 8.95 -19.53 -10.88
C LYS A 300 9.83 -19.70 -12.11
N TYR A 301 11.15 -19.71 -11.96
CA TYR A 301 12.07 -19.84 -13.08
C TYR A 301 12.69 -21.23 -13.10
N SER A 302 13.30 -21.57 -14.23
CA SER A 302 13.99 -22.83 -14.40
C SER A 302 15.42 -22.56 -14.83
N GLY A 303 16.29 -23.52 -14.57
CA GLY A 303 17.67 -23.41 -15.00
C GLY A 303 18.60 -24.06 -14.00
N SER A 304 19.90 -23.78 -14.19
CA SER A 304 20.91 -24.49 -13.41
C SER A 304 20.91 -24.11 -11.94
N ALA A 305 20.28 -23.01 -11.55
CA ALA A 305 20.29 -22.58 -10.16
C ALA A 305 19.18 -23.21 -9.33
N SER A 306 18.31 -24.02 -9.93
CA SER A 306 17.11 -24.49 -9.26
C SER A 306 17.42 -25.23 -7.97
N SER A 307 18.41 -26.12 -7.98
CA SER A 307 18.66 -26.89 -6.77
C SER A 307 19.20 -26.02 -5.65
N THR A 308 19.90 -24.94 -5.99
CA THR A 308 20.38 -24.01 -4.96
C THR A 308 19.21 -23.24 -4.37
N VAL A 309 18.30 -22.76 -5.22
CA VAL A 309 17.12 -22.06 -4.71
C VAL A 309 16.35 -22.97 -3.75
N LYS A 310 16.10 -24.21 -4.15
CA LYS A 310 15.35 -25.14 -3.30
C LYS A 310 16.08 -25.40 -2.00
N SER A 311 17.40 -25.61 -2.07
CA SER A 311 18.17 -25.92 -0.87
C SER A 311 18.17 -24.75 0.11
N LYS A 312 18.32 -23.52 -0.38
CA LYS A 312 18.35 -22.36 0.50
C LYS A 312 16.98 -22.10 1.12
N LEU A 313 15.91 -22.29 0.34
CA LEU A 313 14.57 -22.15 0.91
C LEU A 313 14.31 -23.18 2.00
N THR A 314 14.69 -24.44 1.74
CA THR A 314 14.58 -25.47 2.77
C THR A 314 15.32 -25.07 4.04
N GLU A 315 16.50 -24.46 3.90
CA GLU A 315 17.24 -24.04 5.09
C GLU A 315 16.53 -22.91 5.82
N ILE A 316 15.93 -21.96 5.08
CA ILE A 316 15.12 -20.92 5.72
C ILE A 316 13.98 -21.54 6.52
N PHE A 317 13.26 -22.48 5.93
CA PHE A 317 12.09 -23.02 6.62
C PHE A 317 12.48 -23.85 7.85
N ALA A 318 13.70 -24.36 7.88
CA ALA A 318 14.20 -25.11 9.04
C ALA A 318 14.81 -24.21 10.09
N GLN A 319 15.51 -23.16 9.68
CA GLN A 319 16.22 -22.30 10.62
C GLN A 319 15.25 -21.40 11.38
N TYR A 320 14.24 -20.88 10.69
CA TYR A 320 13.26 -19.99 11.29
C TYR A 320 11.93 -20.72 11.45
N GLU A 321 10.89 -19.98 11.82
CA GLU A 321 9.59 -20.59 12.05
C GLU A 321 8.50 -19.59 11.66
N MET A 322 7.28 -20.09 11.51
CA MET A 322 6.19 -19.25 11.03
C MET A 322 5.75 -18.23 12.07
N TYR A 323 5.92 -18.52 13.36
CA TYR A 323 5.61 -17.58 14.43
C TYR A 323 6.71 -17.65 15.47
N GLY A 324 7.56 -16.63 15.52
CA GLY A 324 8.71 -16.62 16.40
C GLY A 324 9.91 -16.04 15.69
N ARG A 325 11.09 -16.45 16.15
CA ARG A 325 12.35 -15.89 15.65
C ARG A 325 12.46 -16.05 14.13
N GLY A 326 12.69 -14.92 13.45
CA GLY A 326 12.86 -14.91 12.02
C GLY A 326 11.59 -15.11 11.21
N ASP A 327 10.40 -14.95 11.83
CA ASP A 327 9.19 -15.29 11.09
C ASP A 327 8.91 -14.32 9.94
N ALA A 328 9.45 -13.10 9.96
CA ALA A 328 9.30 -12.23 8.79
C ALA A 328 9.98 -12.85 7.57
N ILE A 329 11.10 -13.54 7.77
CA ILE A 329 11.81 -14.17 6.66
C ILE A 329 11.11 -15.45 6.25
N TRP A 330 10.73 -16.27 7.24
CA TRP A 330 9.97 -17.49 6.97
C TRP A 330 8.71 -17.19 6.19
N LEU A 331 7.91 -16.23 6.67
CA LEU A 331 6.63 -15.95 6.03
C LEU A 331 6.81 -15.29 4.68
N GLY A 332 7.83 -14.43 4.54
CA GLY A 332 8.12 -13.86 3.23
C GLY A 332 8.40 -14.93 2.19
N ALA A 333 9.28 -15.88 2.53
CA ALA A 333 9.58 -16.97 1.62
C ALA A 333 8.37 -17.87 1.41
N ALA A 334 7.59 -18.13 2.46
CA ALA A 334 6.43 -19.00 2.34
C ALA A 334 5.38 -18.40 1.42
N ASP A 335 5.27 -17.07 1.39
CA ASP A 335 4.30 -16.40 0.53
C ASP A 335 4.57 -16.72 -0.94
N THR A 336 5.79 -16.50 -1.39
CA THR A 336 6.07 -16.69 -2.80
C THR A 336 6.26 -18.17 -3.17
N VAL A 337 6.78 -18.98 -2.25
CA VAL A 337 6.86 -20.42 -2.52
C VAL A 337 5.46 -20.99 -2.70
N SER A 338 4.53 -20.62 -1.83
CA SER A 338 3.17 -21.15 -1.93
C SER A 338 2.49 -20.73 -3.22
N TYR A 339 2.81 -19.52 -3.71
CA TYR A 339 2.15 -19.02 -4.92
C TYR A 339 2.75 -19.64 -6.18
N TYR A 340 4.08 -19.77 -6.25
CA TYR A 340 4.76 -20.15 -7.48
C TYR A 340 5.24 -21.58 -7.52
N ALA A 341 5.32 -22.26 -6.37
CA ALA A 341 5.88 -23.60 -6.32
C ALA A 341 4.85 -24.55 -5.72
N ASP A 342 5.29 -25.78 -5.46
CA ASP A 342 4.48 -26.78 -4.79
C ASP A 342 4.81 -26.74 -3.30
N CYS A 343 3.85 -26.29 -2.48
CA CYS A 343 4.10 -26.20 -1.04
C CYS A 343 4.53 -27.54 -0.47
N SER A 344 4.11 -28.65 -1.09
CA SER A 344 4.43 -29.97 -0.54
C SER A 344 5.93 -30.26 -0.67
N ASP A 345 6.61 -29.64 -1.63
CA ASP A 345 8.06 -29.80 -1.75
C ASP A 345 8.81 -29.22 -0.56
N TYR A 346 8.15 -28.39 0.25
CA TYR A 346 8.78 -27.69 1.36
C TYR A 346 8.11 -27.97 2.69
N GLY A 347 7.03 -28.76 2.70
CA GLY A 347 6.36 -29.09 3.94
C GLY A 347 5.59 -27.95 4.58
N ILE A 348 5.14 -26.97 3.80
CA ILE A 348 4.49 -25.80 4.35
C ILE A 348 3.05 -25.67 3.92
N CYS A 349 2.48 -26.70 3.30
CA CYS A 349 1.08 -26.64 2.91
C CYS A 349 0.22 -26.38 4.14
N ASN A 350 -0.74 -25.47 3.99
CA ASN A 350 -1.73 -25.17 5.02
C ASN A 350 -1.10 -24.59 6.30
N PHE A 351 0.05 -23.92 6.19
CA PHE A 351 0.61 -23.26 7.36
C PHE A 351 -0.29 -22.13 7.85
N GLU A 352 -1.10 -21.57 6.96
CA GLU A 352 -1.90 -20.39 7.30
C GLU A 352 -2.90 -20.68 8.40
N SER A 353 -3.52 -21.86 8.38
CA SER A 353 -4.47 -22.21 9.44
C SER A 353 -3.77 -22.39 10.79
N GLN A 354 -2.58 -23.00 10.79
CA GLN A 354 -1.82 -23.12 12.03
C GLN A 354 -1.37 -21.75 12.53
N LEU A 355 -0.95 -20.89 11.59
CA LEU A 355 -0.49 -19.56 11.97
C LEU A 355 -1.58 -18.78 12.70
N LYS A 356 -2.82 -18.89 12.23
CA LYS A 356 -3.91 -18.12 12.83
C LYS A 356 -4.04 -18.43 14.32
N GLY A 357 -4.07 -19.72 14.67
CA GLY A 357 -4.18 -20.09 16.07
C GLY A 357 -3.02 -19.61 16.92
N LEU A 358 -1.82 -19.53 16.32
CA LEU A 358 -0.66 -19.08 17.07
C LEU A 358 -0.67 -17.57 17.28
N VAL A 359 -1.01 -16.80 16.25
CA VAL A 359 -0.89 -15.35 16.36
C VAL A 359 -2.11 -14.76 17.09
N LEU A 360 -3.31 -15.14 16.64
CA LEU A 360 -4.56 -14.65 17.24
C LEU A 360 -4.97 -15.64 18.34
N SER A 361 -4.19 -15.58 19.41
CA SER A 361 -4.27 -16.56 20.48
C SER A 361 -5.27 -16.19 21.56
N GLN A 362 -5.75 -14.95 21.57
CA GLN A 362 -6.73 -14.50 22.54
C GLN A 362 -8.12 -14.51 21.92
N SER A 363 -9.12 -14.91 22.70
CA SER A 363 -10.49 -14.86 22.23
C SER A 363 -11.34 -14.21 23.32
N TYR A 364 -12.12 -13.20 22.93
CA TYR A 364 -12.97 -12.47 23.86
C TYR A 364 -14.30 -12.26 23.17
N THR A 365 -15.35 -12.91 23.67
CA THR A 365 -16.68 -12.79 23.08
C THR A 365 -17.41 -11.63 23.74
N CYS A 366 -17.71 -10.58 22.97
CA CYS A 366 -18.48 -9.46 23.51
C CYS A 366 -19.90 -9.88 23.81
N SER A 367 -20.48 -10.62 22.89
CA SER A 367 -21.91 -10.82 22.79
C SER A 367 -22.18 -11.83 21.70
N PRO A 368 -23.43 -12.25 21.50
CA PRO A 368 -23.73 -13.15 20.38
C PRO A 368 -23.43 -12.55 19.01
N THR A 369 -23.23 -11.23 18.91
CA THR A 369 -23.06 -10.60 17.61
C THR A 369 -21.65 -10.08 17.37
N ILE A 370 -20.75 -10.15 18.35
CA ILE A 370 -19.36 -9.69 18.18
C ILE A 370 -18.43 -10.59 18.98
N ARG A 371 -17.43 -11.16 18.30
CA ARG A 371 -16.35 -11.87 18.97
C ARG A 371 -15.01 -11.32 18.50
N ILE A 372 -14.10 -11.08 19.45
CA ILE A 372 -12.76 -10.58 19.18
C ILE A 372 -11.76 -11.74 19.22
N LEU A 373 -10.93 -11.84 18.19
CA LEU A 373 -9.69 -12.62 18.25
C LEU A 373 -8.55 -11.63 18.21
N SER A 374 -7.59 -11.76 19.10
CA SER A 374 -6.52 -10.77 19.12
C SER A 374 -5.19 -11.42 19.45
N GLN A 375 -4.15 -10.69 19.09
CA GLN A 375 -2.78 -11.12 19.30
C GLN A 375 -2.28 -10.77 20.69
N ASN A 376 -2.47 -9.52 21.12
CA ASN A 376 -1.97 -9.10 22.43
C ASN A 376 -2.68 -7.84 22.90
N MET A 377 -3.92 -7.99 23.38
CA MET A 377 -4.69 -6.91 23.96
C MET A 377 -4.90 -7.15 25.46
N THR A 378 -5.02 -6.06 26.21
CA THR A 378 -5.37 -6.15 27.62
C THR A 378 -6.86 -6.41 27.80
N GLN A 379 -7.22 -6.90 28.99
CA GLN A 379 -8.62 -7.02 29.35
C GLN A 379 -9.35 -5.70 29.19
N ASP A 380 -8.73 -4.61 29.64
CA ASP A 380 -9.36 -3.29 29.53
C ASP A 380 -9.65 -2.92 28.08
N GLN A 381 -8.73 -3.24 27.17
CA GLN A 381 -8.97 -2.98 25.75
C GLN A 381 -10.13 -3.79 25.21
N HIS A 382 -10.21 -5.07 25.59
CA HIS A 382 -11.34 -5.90 25.16
C HIS A 382 -12.66 -5.31 25.65
N VAL A 383 -12.70 -4.91 26.92
CA VAL A 383 -13.93 -4.36 27.49
C VAL A 383 -14.31 -3.08 26.76
N ALA A 384 -13.33 -2.21 26.49
CA ALA A 384 -13.62 -0.95 25.83
C ALA A 384 -14.05 -1.16 24.39
N ALA A 385 -13.40 -2.07 23.67
CA ALA A 385 -13.80 -2.32 22.29
C ALA A 385 -15.22 -2.86 22.23
N CYS A 386 -15.55 -3.78 23.14
CA CYS A 386 -16.89 -4.37 23.12
C CYS A 386 -17.95 -3.34 23.47
N SER A 387 -17.69 -2.46 24.44
CA SER A 387 -18.73 -1.50 24.80
C SER A 387 -18.89 -0.41 23.74
N LYS A 388 -17.78 0.06 23.16
CA LYS A 388 -17.88 1.04 22.09
C LYS A 388 -18.64 0.48 20.90
N MET A 389 -18.29 -0.74 20.46
CA MET A 389 -19.03 -1.36 19.38
C MET A 389 -20.48 -1.60 19.77
N GLY A 390 -20.72 -2.01 21.01
CA GLY A 390 -22.09 -2.22 21.46
C GLY A 390 -22.91 -0.95 21.41
N TYR A 391 -22.29 0.19 21.70
CA TYR A 391 -23.02 1.44 21.63
C TYR A 391 -23.35 1.78 20.18
N GLU A 392 -22.37 1.64 19.28
CA GLU A 392 -22.62 1.89 17.87
C GLU A 392 -23.67 0.96 17.33
N GLU A 393 -23.68 -0.28 17.81
CA GLU A 393 -24.64 -1.27 17.36
C GLU A 393 -26.05 -0.83 17.68
N GLY A 394 -26.27 -0.36 18.90
CA GLY A 394 -27.59 0.11 19.27
C GLY A 394 -27.98 1.35 18.49
N TYR A 395 -27.06 2.32 18.39
CA TYR A 395 -27.35 3.54 17.63
C TYR A 395 -27.66 3.23 16.17
N PHE A 396 -26.90 2.30 15.58
CA PHE A 396 -27.20 1.84 14.23
C PHE A 396 -28.62 1.28 14.11
N HIS A 397 -28.98 0.34 14.98
CA HIS A 397 -30.26 -0.33 14.80
C HIS A 397 -31.42 0.63 15.02
N THR A 398 -31.28 1.53 15.98
CA THR A 398 -32.32 2.53 16.19
C THR A 398 -32.40 3.49 15.00
N SER A 399 -31.26 4.00 14.54
CA SER A 399 -31.25 4.99 13.47
C SER A 399 -31.72 4.39 12.14
N LEU A 400 -31.32 3.15 11.85
CA LEU A 400 -31.69 2.53 10.59
C LEU A 400 -33.02 1.81 10.67
N GLU A 401 -33.67 1.83 11.84
CA GLU A 401 -35.01 1.26 12.02
C GLU A 401 -35.07 -0.18 11.53
N THR A 402 -34.05 -0.95 11.90
CA THR A 402 -33.90 -2.30 11.38
C THR A 402 -34.81 -3.33 12.03
N GLY A 403 -35.26 -3.08 13.26
CA GLY A 403 -35.89 -4.12 14.02
C GLY A 403 -34.98 -5.30 14.28
N ARG A 404 -33.67 -5.09 14.09
CA ARG A 404 -32.65 -6.13 14.18
C ARG A 404 -32.95 -7.32 13.26
N GLN A 405 -33.68 -7.07 12.18
CA GLN A 405 -33.95 -8.09 11.18
C GLN A 405 -32.92 -7.99 10.07
N PRO A 406 -32.11 -9.00 9.82
CA PRO A 406 -31.15 -8.94 8.71
C PRO A 406 -31.83 -9.01 7.35
N VAL A 407 -31.10 -8.56 6.32
CA VAL A 407 -31.55 -8.77 4.94
C VAL A 407 -31.64 -10.27 4.68
N ALA A 408 -32.42 -10.63 3.65
CA ALA A 408 -32.56 -12.02 3.27
C ALA A 408 -31.23 -12.56 2.75
N ASP A 409 -31.05 -13.88 2.89
CA ASP A 409 -29.89 -14.59 2.34
C ASP A 409 -28.60 -14.14 3.02
N ASP A 410 -28.66 -13.82 4.31
CA ASP A 410 -27.52 -13.32 5.07
C ASP A 410 -27.50 -14.02 6.41
N TYR A 411 -26.46 -14.84 6.64
CA TYR A 411 -26.32 -15.59 7.88
C TYR A 411 -25.00 -15.26 8.57
N ASN A 412 -24.52 -14.02 8.40
CA ASN A 412 -23.32 -13.51 9.08
C ASN A 412 -23.67 -13.06 10.50
N THR A 413 -24.03 -14.02 11.34
CA THR A 413 -24.70 -13.73 12.59
C THR A 413 -23.78 -13.06 13.63
N GLN A 414 -22.48 -13.33 13.59
CA GLN A 414 -21.55 -12.77 14.58
C GLN A 414 -20.32 -12.27 13.86
N LEU A 415 -20.08 -10.96 13.95
CA LEU A 415 -18.86 -10.40 13.38
C LEU A 415 -17.65 -10.91 14.14
N GLN A 416 -16.63 -11.33 13.40
CA GLN A 416 -15.34 -11.68 13.98
C GLN A 416 -14.41 -10.49 13.80
N VAL A 417 -13.90 -9.95 14.90
CA VAL A 417 -13.01 -8.78 14.87
C VAL A 417 -11.62 -9.29 15.22
N ASN A 418 -10.70 -9.26 14.24
CA ASN A 418 -9.39 -9.91 14.35
C ASN A 418 -8.33 -8.81 14.45
N ILE A 419 -7.67 -8.69 15.60
CA ILE A 419 -6.87 -7.51 15.91
C ILE A 419 -5.42 -7.92 16.16
N PHE A 420 -4.54 -7.51 15.27
CA PHE A 420 -3.11 -7.74 15.44
C PHE A 420 -2.47 -6.65 16.30
N ASP A 421 -1.28 -6.94 16.80
CA ASP A 421 -0.66 -6.10 17.82
C ASP A 421 -0.13 -4.79 17.27
N SER A 422 0.04 -4.68 15.96
CA SER A 422 0.62 -3.49 15.34
C SER A 422 0.47 -3.59 13.84
N SER A 423 0.66 -2.45 13.17
CA SER A 423 0.68 -2.44 11.70
C SER A 423 1.73 -3.41 11.16
N ASP A 424 2.89 -3.48 11.81
CA ASP A 424 3.94 -4.39 11.34
C ASP A 424 3.49 -5.84 11.45
N ASP A 425 2.80 -6.19 12.56
CA ASP A 425 2.30 -7.56 12.72
C ASP A 425 1.22 -7.87 11.69
N TYR A 426 0.29 -6.93 11.47
CA TYR A 426 -0.70 -7.06 10.42
C TYR A 426 -0.05 -7.36 9.08
N GLY A 427 0.99 -6.59 8.73
CA GLY A 427 1.67 -6.78 7.44
C GLY A 427 2.35 -8.12 7.30
N LYS A 428 2.75 -8.74 8.41
CA LYS A 428 3.45 -10.01 8.43
C LYS A 428 2.49 -11.20 8.47
N TYR A 429 1.47 -11.13 9.32
CA TYR A 429 0.62 -12.28 9.59
C TYR A 429 -0.75 -12.24 8.93
N ALA A 430 -1.33 -11.06 8.71
CA ALA A 430 -2.71 -11.02 8.27
C ALA A 430 -2.86 -11.49 6.82
N GLY A 431 -1.87 -11.21 5.97
CA GLY A 431 -1.89 -11.65 4.60
C GLY A 431 -2.17 -13.13 4.45
N PRO A 432 -1.30 -13.99 5.02
CA PRO A 432 -1.53 -15.43 4.88
C PRO A 432 -2.76 -15.93 5.62
N ILE A 433 -3.06 -15.40 6.80
CA ILE A 433 -4.19 -15.92 7.57
C ILE A 433 -5.51 -15.68 6.82
N PHE A 434 -5.69 -14.50 6.25
CA PHE A 434 -6.97 -14.14 5.65
C PHE A 434 -6.94 -14.04 4.13
N ASN A 435 -5.78 -14.30 3.51
CA ASN A 435 -5.60 -14.18 2.06
C ASN A 435 -5.97 -12.77 1.58
N ILE A 436 -5.34 -11.77 2.22
CA ILE A 436 -5.60 -10.37 1.90
C ILE A 436 -4.28 -9.64 1.62
N SER A 437 -4.38 -8.56 0.86
CA SER A 437 -3.31 -7.58 0.81
C SER A 437 -3.32 -6.76 2.10
N THR A 438 -2.13 -6.32 2.51
CA THR A 438 -1.98 -5.64 3.79
C THR A 438 -1.44 -4.22 3.64
N ASN A 439 -1.36 -3.70 2.42
CA ASN A 439 -0.93 -2.31 2.19
C ASN A 439 -2.10 -1.34 2.40
N ASN A 440 -2.59 -1.32 3.63
CA ASN A 440 -3.82 -0.59 3.96
C ASN A 440 -3.96 -0.53 5.48
N GLY A 441 -5.04 0.12 5.93
CA GLY A 441 -5.30 0.31 7.35
C GLY A 441 -6.31 -0.64 7.95
N GLY A 442 -6.51 -1.80 7.34
CA GLY A 442 -7.49 -2.76 7.76
C GLY A 442 -8.49 -3.05 6.65
N MET A 443 -9.26 -4.13 6.85
CA MET A 443 -10.30 -4.40 5.86
C MET A 443 -11.36 -5.30 6.46
N TYR A 444 -12.59 -5.07 6.01
CA TYR A 444 -13.73 -5.89 6.39
C TYR A 444 -14.11 -6.80 5.22
N LEU A 445 -14.15 -8.10 5.49
CA LEU A 445 -14.47 -9.12 4.50
C LEU A 445 -15.87 -9.67 4.79
N GLU A 446 -16.87 -9.14 4.10
CA GLU A 446 -18.23 -9.64 4.24
C GLU A 446 -18.39 -11.04 3.66
N GLY A 447 -17.59 -11.36 2.65
CA GLY A 447 -17.69 -12.69 2.07
C GLY A 447 -18.97 -12.87 1.28
N ASP A 448 -19.46 -14.11 1.29
CA ASP A 448 -20.72 -14.46 0.63
C ASP A 448 -21.73 -14.76 1.72
N PRO A 449 -22.58 -13.81 2.11
CA PRO A 449 -23.40 -14.01 3.30
C PRO A 449 -24.37 -15.16 3.21
N ALA A 450 -24.71 -15.61 2.00
CA ALA A 450 -25.67 -16.70 1.84
C ALA A 450 -25.02 -18.07 1.96
N THR A 451 -23.68 -18.14 1.92
CA THR A 451 -23.06 -19.46 1.80
C THR A 451 -22.90 -20.09 3.18
N PRO A 452 -23.26 -21.37 3.33
CA PRO A 452 -23.05 -22.03 4.62
C PRO A 452 -21.58 -21.97 5.03
N GLY A 453 -21.35 -21.58 6.28
CA GLY A 453 -20.00 -21.49 6.79
C GLY A 453 -19.27 -20.20 6.48
N ASN A 454 -19.93 -19.20 5.91
CA ASN A 454 -19.27 -17.93 5.66
C ASN A 454 -18.98 -17.25 6.99
N ILE A 455 -17.78 -16.67 7.09
CA ILE A 455 -17.35 -15.99 8.31
C ILE A 455 -17.14 -14.51 7.99
N PRO A 456 -17.87 -13.58 8.61
CA PRO A 456 -17.57 -12.15 8.43
C PRO A 456 -16.37 -11.76 9.30
N ASN A 457 -15.32 -11.25 8.64
CA ASN A 457 -14.06 -10.96 9.31
C ASN A 457 -13.67 -9.51 9.09
N PHE A 458 -13.60 -8.74 10.17
CA PHE A 458 -12.89 -7.47 10.14
C PHE A 458 -11.47 -7.74 10.62
N VAL A 459 -10.49 -7.25 9.87
CA VAL A 459 -9.08 -7.50 10.15
C VAL A 459 -8.40 -6.17 10.37
N ALA A 460 -7.72 -6.04 11.51
CA ALA A 460 -7.30 -4.74 12.01
C ALA A 460 -6.03 -4.88 12.83
N TYR A 461 -5.51 -3.74 13.28
CA TYR A 461 -4.37 -3.73 14.19
C TYR A 461 -4.51 -2.61 15.21
N GLU A 462 -3.82 -2.81 16.34
CA GLU A 462 -3.65 -1.75 17.32
C GLU A 462 -2.64 -0.72 16.81
N ALA A 463 -2.76 0.50 17.34
CA ALA A 463 -1.80 1.56 17.02
C ALA A 463 -1.80 2.57 18.15
N PRO A 464 -0.65 3.17 18.45
CA PRO A 464 -0.59 4.13 19.57
C PRO A 464 -1.50 5.33 19.39
N TYR A 465 -1.70 5.78 18.15
CA TYR A 465 -2.54 6.94 17.87
C TYR A 465 -3.96 6.55 17.48
N ALA A 466 -4.34 5.30 17.70
CA ALA A 466 -5.74 4.91 17.53
C ALA A 466 -6.56 5.40 18.71
N ASN A 467 -7.88 5.25 18.61
CA ASN A 467 -8.77 5.89 19.57
C ASN A 467 -8.74 5.15 20.91
N PRO A 468 -8.53 5.83 22.03
CA PRO A 468 -8.78 5.21 23.34
C PRO A 468 -10.27 4.90 23.47
N ASP A 469 -10.60 3.88 24.26
CA ASP A 469 -9.65 3.13 25.10
C ASP A 469 -9.28 1.77 24.53
N HIS A 470 -9.74 1.49 23.31
CA HIS A 470 -9.43 0.22 22.66
C HIS A 470 -8.14 0.27 21.85
N PHE A 471 -7.81 1.44 21.30
CA PHE A 471 -6.61 1.65 20.48
C PHE A 471 -6.55 0.71 19.27
N VAL A 472 -7.70 0.42 18.68
CA VAL A 472 -7.79 -0.37 17.47
C VAL A 472 -8.01 0.56 16.28
N TRP A 473 -7.09 0.53 15.33
CA TRP A 473 -7.14 1.49 14.22
C TRP A 473 -8.34 1.21 13.31
N ASN A 474 -9.09 2.27 13.00
CA ASN A 474 -10.26 2.21 12.10
C ASN A 474 -11.40 1.36 12.63
N LEU A 475 -11.42 1.03 13.93
CA LEU A 475 -12.43 0.10 14.42
C LEU A 475 -13.85 0.67 14.32
N GLU A 476 -14.04 1.89 14.81
CA GLU A 476 -15.40 2.39 14.96
C GLU A 476 -16.06 2.60 13.60
N HIS A 477 -15.29 3.06 12.61
CA HIS A 477 -15.82 3.21 11.26
C HIS A 477 -16.05 1.87 10.60
N GLU A 478 -15.05 0.98 10.61
CA GLU A 478 -15.18 -0.29 9.90
C GLU A 478 -16.28 -1.15 10.49
N TYR A 479 -16.49 -1.08 11.79
CA TYR A 479 -17.56 -1.87 12.40
C TYR A 479 -18.92 -1.58 11.74
N VAL A 480 -19.16 -0.31 11.37
CA VAL A 480 -20.45 0.00 10.78
C VAL A 480 -20.64 -0.68 9.43
N HIS A 481 -19.55 -0.95 8.70
CA HIS A 481 -19.70 -1.66 7.42
C HIS A 481 -20.28 -3.06 7.64
N TYR A 482 -19.91 -3.72 8.74
CA TYR A 482 -20.55 -5.00 9.06
C TYR A 482 -22.06 -4.83 9.21
N LEU A 483 -22.47 -3.84 10.01
CA LEU A 483 -23.90 -3.63 10.27
C LEU A 483 -24.65 -3.25 9.00
N ASP A 484 -24.10 -2.28 8.26
CA ASP A 484 -24.71 -1.85 7.00
C ASP A 484 -24.82 -3.01 6.02
N GLY A 485 -23.77 -3.84 5.93
CA GLY A 485 -23.80 -4.97 5.03
C GLY A 485 -24.81 -6.04 5.41
N ARG A 486 -25.11 -6.20 6.69
CA ARG A 486 -26.00 -7.26 7.13
C ARG A 486 -27.45 -6.80 7.22
N PHE A 487 -27.67 -5.51 7.48
CA PHE A 487 -29.03 -5.03 7.72
C PHE A 487 -29.56 -4.07 6.69
N ASP A 488 -28.71 -3.49 5.83
CA ASP A 488 -29.14 -2.50 4.84
C ASP A 488 -28.95 -2.94 3.40
N LEU A 489 -27.83 -3.62 3.08
CA LEU A 489 -27.45 -3.85 1.69
C LEU A 489 -27.52 -5.33 1.34
N TYR A 490 -28.47 -5.69 0.48
CA TYR A 490 -28.57 -7.07 0.02
C TYR A 490 -27.29 -7.53 -0.66
N GLY A 491 -26.95 -8.79 -0.45
CA GLY A 491 -25.89 -9.43 -1.20
C GLY A 491 -24.51 -9.18 -0.63
N GLY A 492 -23.52 -9.74 -1.30
CA GLY A 492 -22.13 -9.48 -0.94
C GLY A 492 -21.73 -8.08 -1.35
N PHE A 493 -20.47 -7.74 -1.06
CA PHE A 493 -19.97 -6.39 -1.34
C PHE A 493 -20.20 -5.98 -2.80
N GLY A 494 -20.01 -6.88 -3.74
CA GLY A 494 -20.13 -6.55 -5.15
C GLY A 494 -21.52 -6.62 -5.76
N HIS A 495 -22.53 -6.97 -4.96
CA HIS A 495 -23.87 -7.12 -5.52
C HIS A 495 -24.46 -5.87 -6.19
N PRO A 496 -24.31 -4.66 -5.65
CA PRO A 496 -24.95 -3.50 -6.28
C PRO A 496 -24.56 -3.32 -7.74
N THR A 497 -25.56 -3.02 -8.56
CA THR A 497 -25.36 -2.63 -9.96
C THR A 497 -25.52 -1.14 -10.17
N GLU A 498 -25.53 -0.36 -9.08
CA GLU A 498 -25.51 1.09 -9.13
C GLU A 498 -24.53 1.57 -8.06
N ARG A 499 -24.05 2.81 -8.20
CA ARG A 499 -23.02 3.30 -7.30
C ARG A 499 -23.58 3.52 -5.89
N ILE A 500 -22.86 3.03 -4.88
CA ILE A 500 -23.37 3.12 -3.51
C ILE A 500 -22.27 3.51 -2.54
N VAL A 501 -21.13 3.98 -3.07
CA VAL A 501 -20.02 4.36 -2.20
C VAL A 501 -20.42 5.50 -1.26
N TRP A 502 -21.16 6.48 -1.75
CA TRP A 502 -21.54 7.61 -0.92
C TRP A 502 -22.30 7.15 0.32
N TRP A 503 -23.18 6.14 0.15
CA TRP A 503 -23.97 5.63 1.25
C TRP A 503 -23.13 4.78 2.17
N SER A 504 -22.38 3.84 1.60
CA SER A 504 -21.62 2.91 2.42
C SER A 504 -20.64 3.67 3.32
N GLU A 505 -19.87 4.59 2.74
CA GLU A 505 -18.89 5.30 3.55
C GLU A 505 -19.55 6.40 4.38
N GLY A 506 -20.60 7.04 3.84
CA GLY A 506 -21.27 8.08 4.60
C GLY A 506 -21.96 7.56 5.85
N ILE A 507 -22.61 6.39 5.75
CA ILE A 507 -23.27 5.84 6.93
C ILE A 507 -22.25 5.33 7.95
N ALA A 508 -21.11 4.78 7.50
CA ALA A 508 -20.07 4.37 8.44
C ALA A 508 -19.53 5.57 9.20
N GLU A 509 -19.37 6.71 8.51
CA GLU A 509 -18.93 7.92 9.19
C GLU A 509 -20.01 8.49 10.09
N TYR A 510 -21.26 8.51 9.62
CA TYR A 510 -22.32 9.14 10.40
C TYR A 510 -22.63 8.35 11.68
N VAL A 511 -22.75 7.03 11.56
CA VAL A 511 -23.02 6.23 12.76
C VAL A 511 -21.85 6.29 13.73
N SER A 512 -20.61 6.27 13.22
CA SER A 512 -19.48 6.23 14.15
C SER A 512 -19.14 7.59 14.75
N LYS A 513 -19.35 8.69 14.02
CA LYS A 513 -19.00 10.02 14.52
C LYS A 513 -20.19 10.85 14.98
N GLU A 514 -21.42 10.44 14.62
CA GLU A 514 -22.63 11.20 14.90
C GLU A 514 -22.44 12.65 14.45
N ASN A 515 -22.58 13.64 15.33
CA ASN A 515 -22.51 15.03 14.90
C ASN A 515 -21.16 15.67 15.17
N ASP A 516 -20.14 14.89 15.45
CA ASP A 516 -18.81 15.41 15.75
C ASP A 516 -17.92 15.15 14.54
N ASN A 517 -17.85 16.13 13.65
CA ASN A 517 -17.08 15.93 12.43
C ASN A 517 -16.58 17.27 11.90
N GLN A 518 -15.52 17.80 12.51
CA GLN A 518 -15.02 19.10 12.13
C GLN A 518 -14.51 19.11 10.69
N ALA A 519 -13.91 18.00 10.24
CA ALA A 519 -13.39 17.95 8.88
C ALA A 519 -14.51 18.11 7.86
N ALA A 520 -15.71 17.62 8.18
CA ALA A 520 -16.83 17.78 7.26
C ALA A 520 -17.30 19.23 7.23
N ILE A 521 -17.36 19.90 8.39
CA ILE A 521 -17.64 21.34 8.40
C ILE A 521 -16.60 22.08 7.56
N ASP A 522 -15.33 21.76 7.77
CA ASP A 522 -14.25 22.50 7.12
C ASP A 522 -14.31 22.39 5.61
N THR A 523 -14.79 21.25 5.07
CA THR A 523 -14.75 21.14 3.62
C THR A 523 -15.87 21.91 2.94
N ILE A 524 -16.89 22.32 3.69
CA ILE A 524 -17.94 23.16 3.13
C ILE A 524 -17.41 24.55 2.85
N LYS A 525 -16.57 25.08 3.74
CA LYS A 525 -16.24 26.49 3.75
C LYS A 525 -14.86 26.80 3.16
N ASP A 526 -14.27 25.85 2.43
CA ASP A 526 -12.92 25.98 1.90
C ASP A 526 -12.87 26.29 0.41
N GLY A 527 -14.00 26.64 -0.21
CA GLY A 527 -14.03 26.99 -1.61
C GLY A 527 -14.37 25.87 -2.58
N SER A 528 -14.56 24.64 -2.10
CA SER A 528 -14.89 23.52 -2.98
C SER A 528 -16.01 22.72 -2.33
N THR A 529 -17.13 22.56 -3.05
CA THR A 529 -18.26 21.78 -2.58
C THR A 529 -18.74 20.86 -3.69
N PHE A 530 -19.53 19.85 -3.29
CA PHE A 530 -20.16 18.92 -4.22
C PHE A 530 -21.67 19.01 -4.10
N THR A 531 -22.37 18.83 -5.22
CA THR A 531 -23.82 18.71 -5.21
C THR A 531 -24.22 17.29 -4.80
N LEU A 532 -25.50 17.14 -4.44
CA LEU A 532 -26.03 15.79 -4.19
C LEU A 532 -25.82 14.89 -5.40
N SER A 533 -26.06 15.41 -6.61
CA SER A 533 -25.86 14.60 -7.82
C SER A 533 -24.43 14.07 -7.89
N GLU A 534 -23.45 14.95 -7.65
CA GLU A 534 -22.06 14.54 -7.68
C GLU A 534 -21.75 13.53 -6.59
N ILE A 535 -22.26 13.76 -5.37
CA ILE A 535 -21.96 12.84 -4.28
C ILE A 535 -22.47 11.44 -4.60
N PHE A 536 -23.67 11.34 -5.16
CA PHE A 536 -24.22 10.01 -5.44
C PHE A 536 -23.42 9.26 -6.51
N GLU A 537 -22.69 9.98 -7.38
CA GLU A 537 -21.84 9.34 -8.39
C GLU A 537 -20.46 8.97 -7.88
N THR A 538 -20.19 9.16 -6.59
CA THR A 538 -18.85 8.91 -6.07
C THR A 538 -18.44 7.45 -6.24
N SER A 539 -17.19 7.24 -6.64
CA SER A 539 -16.59 5.93 -6.73
C SER A 539 -15.27 5.94 -5.97
N TYR A 540 -14.65 4.77 -5.82
CA TYR A 540 -13.35 4.71 -5.19
C TYR A 540 -12.22 5.07 -6.13
N ASP A 541 -12.49 5.22 -7.42
CA ASP A 541 -11.44 5.54 -8.38
C ASP A 541 -10.81 6.88 -8.04
N GLY A 542 -9.47 6.91 -8.01
CA GLY A 542 -8.75 8.09 -7.58
C GLY A 542 -8.77 8.34 -6.09
N PHE A 543 -9.48 7.51 -5.31
CA PHE A 543 -9.59 7.65 -3.85
C PHE A 543 -9.65 9.07 -3.28
N ASP A 544 -10.66 9.83 -3.67
CA ASP A 544 -10.86 11.19 -3.17
C ASP A 544 -11.46 11.08 -1.78
N VAL A 545 -10.60 11.11 -0.75
CA VAL A 545 -11.07 10.89 0.62
C VAL A 545 -12.05 11.99 1.03
N ASP A 546 -11.78 13.23 0.63
CA ASP A 546 -12.70 14.32 0.94
C ASP A 546 -14.10 14.00 0.42
N ARG A 547 -14.19 13.59 -0.84
CA ARG A 547 -15.49 13.34 -1.45
C ARG A 547 -16.14 12.11 -0.83
N ILE A 548 -15.37 11.03 -0.65
CA ILE A 548 -15.93 9.77 -0.18
C ILE A 548 -16.38 9.88 1.27
N TYR A 549 -15.47 10.32 2.14
CA TYR A 549 -15.73 10.29 3.58
C TYR A 549 -16.46 11.53 4.08
N ARG A 550 -16.00 12.73 3.69
CA ARG A 550 -16.62 13.93 4.26
C ARG A 550 -17.95 14.24 3.58
N TRP A 551 -17.97 14.21 2.24
CA TRP A 551 -19.22 14.53 1.57
C TRP A 551 -20.21 13.38 1.62
N GLY A 552 -19.74 12.13 1.67
CA GLY A 552 -20.65 11.03 1.96
C GLY A 552 -21.34 11.22 3.31
N TYR A 553 -20.55 11.58 4.34
CA TYR A 553 -21.12 11.90 5.64
C TYR A 553 -22.14 13.02 5.56
N LEU A 554 -21.81 14.10 4.84
CA LEU A 554 -22.71 15.26 4.81
C LEU A 554 -24.02 14.90 4.13
N ALA A 555 -23.98 14.17 3.01
CA ALA A 555 -25.22 13.79 2.35
C ALA A 555 -26.06 12.87 3.23
N VAL A 556 -25.42 11.89 3.87
CA VAL A 556 -26.16 10.96 4.73
C VAL A 556 -26.78 11.71 5.91
N ARG A 557 -25.98 12.51 6.60
CA ARG A 557 -26.51 13.27 7.74
C ARG A 557 -27.66 14.18 7.32
N PHE A 558 -27.52 14.87 6.18
CA PHE A 558 -28.58 15.73 5.67
C PHE A 558 -29.86 14.94 5.47
N MET A 559 -29.75 13.78 4.81
CA MET A 559 -30.95 12.98 4.53
C MET A 559 -31.60 12.48 5.82
N PHE A 560 -30.81 12.05 6.82
CA PHE A 560 -31.41 11.59 8.08
C PHE A 560 -32.12 12.73 8.82
N GLU A 561 -31.54 13.93 8.79
CA GLU A 561 -32.11 15.04 9.56
C GLU A 561 -33.32 15.66 8.87
N ARG A 562 -33.30 15.71 7.54
CA ARG A 562 -34.27 16.47 6.78
C ARG A 562 -35.27 15.60 6.02
N HIS A 563 -34.93 14.34 5.76
CA HIS A 563 -35.74 13.50 4.88
C HIS A 563 -35.68 12.04 5.31
N LYS A 564 -35.91 11.78 6.60
CA LYS A 564 -35.77 10.42 7.08
C LYS A 564 -36.74 9.46 6.39
N ASP A 565 -37.95 9.92 6.09
CA ASP A 565 -38.89 9.02 5.42
C ASP A 565 -38.35 8.58 4.07
N ASP A 566 -37.64 9.47 3.37
CA ASP A 566 -36.99 9.11 2.12
C ASP A 566 -35.97 8.01 2.33
N VAL A 567 -35.15 8.14 3.38
CA VAL A 567 -34.14 7.12 3.66
C VAL A 567 -34.80 5.77 3.87
N ASN A 568 -35.90 5.74 4.62
CA ASN A 568 -36.61 4.48 4.83
C ASN A 568 -37.15 3.92 3.51
N GLN A 569 -37.63 4.80 2.63
CA GLN A 569 -38.05 4.37 1.30
C GLN A 569 -36.89 3.74 0.52
N MET A 570 -35.72 4.39 0.57
CA MET A 570 -34.55 3.83 -0.11
C MET A 570 -34.17 2.46 0.44
N LEU A 571 -34.26 2.28 1.76
CA LEU A 571 -33.81 1.04 2.37
C LEU A 571 -34.70 -0.14 1.98
N ILE A 572 -35.97 0.11 1.66
CA ILE A 572 -36.81 -0.99 1.16
C ILE A 572 -36.17 -1.59 -0.09
N GLU A 573 -35.59 -0.74 -0.93
CA GLU A 573 -35.00 -1.19 -2.18
C GLU A 573 -33.62 -1.80 -1.95
N THR A 574 -32.76 -1.13 -1.18
CA THR A 574 -31.42 -1.69 -0.99
C THR A 574 -31.45 -2.99 -0.21
N ARG A 575 -32.39 -3.13 0.73
CA ARG A 575 -32.41 -4.33 1.55
C ARG A 575 -32.79 -5.57 0.75
N GLN A 576 -33.43 -5.42 -0.40
CA GLN A 576 -33.73 -6.58 -1.24
C GLN A 576 -33.00 -6.54 -2.58
N GLY A 577 -32.04 -5.64 -2.74
CA GLY A 577 -31.23 -5.65 -3.95
C GLY A 577 -31.87 -5.06 -5.19
N ASN A 578 -32.91 -4.24 -5.04
CA ASN A 578 -33.51 -3.54 -6.17
C ASN A 578 -32.67 -2.27 -6.44
N TRP A 579 -31.49 -2.48 -7.04
CA TRP A 579 -30.55 -1.37 -7.18
C TRP A 579 -31.06 -0.31 -8.15
N ALA A 580 -31.74 -0.73 -9.23
CA ALA A 580 -32.30 0.27 -10.13
C ALA A 580 -33.33 1.13 -9.42
N ASN A 581 -34.17 0.51 -8.57
CA ASN A 581 -35.13 1.29 -7.80
C ASN A 581 -34.43 2.23 -6.84
N TYR A 582 -33.36 1.75 -6.21
CA TYR A 582 -32.55 2.59 -5.33
C TYR A 582 -32.03 3.81 -6.07
N LYS A 583 -31.50 3.60 -7.28
CA LYS A 583 -30.98 4.72 -8.05
C LYS A 583 -32.08 5.71 -8.42
N ALA A 584 -33.24 5.21 -8.86
CA ALA A 584 -34.34 6.10 -9.21
C ALA A 584 -34.79 6.90 -8.00
N THR A 585 -34.76 6.29 -6.80
CA THR A 585 -35.12 6.98 -5.57
C THR A 585 -34.17 8.15 -5.30
N ILE A 586 -32.86 7.89 -5.30
CA ILE A 586 -31.93 8.96 -4.97
C ILE A 586 -31.79 9.96 -6.10
N ASN A 587 -32.08 9.57 -7.35
CA ASN A 587 -32.13 10.54 -8.43
C ASN A 587 -33.13 11.66 -8.14
N GLN A 588 -34.26 11.30 -7.53
CA GLN A 588 -35.25 12.33 -7.20
C GLN A 588 -34.70 13.28 -6.14
N TRP A 589 -33.96 12.74 -5.17
CA TRP A 589 -33.38 13.58 -4.12
C TRP A 589 -32.45 14.62 -4.74
N ALA A 590 -31.64 14.21 -5.71
CA ALA A 590 -30.65 15.11 -6.28
C ALA A 590 -31.31 16.22 -7.10
N ILE A 591 -32.47 15.95 -7.70
CA ILE A 591 -33.23 16.95 -8.43
C ILE A 591 -33.93 17.91 -7.47
N LEU A 592 -34.51 17.37 -6.40
CA LEU A 592 -35.37 18.17 -5.55
C LEU A 592 -34.57 19.00 -4.54
N TYR A 593 -33.58 18.38 -3.88
CA TYR A 593 -33.14 18.86 -2.57
C TYR A 593 -31.83 19.65 -2.60
N GLN A 594 -31.28 19.97 -3.78
CA GLN A 594 -29.96 20.58 -3.81
C GLN A 594 -29.93 21.91 -3.07
N SER A 595 -30.93 22.78 -3.28
CA SER A 595 -30.86 24.08 -2.61
C SER A 595 -31.02 23.92 -1.10
N GLU A 596 -31.87 23.00 -0.66
CA GLU A 596 -32.02 22.76 0.77
C GLU A 596 -30.74 22.17 1.36
N PHE A 597 -30.07 21.29 0.61
CA PHE A 597 -28.77 20.78 1.05
C PHE A 597 -27.79 21.93 1.28
N GLU A 598 -27.82 22.93 0.40
CA GLU A 598 -26.92 24.09 0.55
C GLU A 598 -27.31 24.93 1.76
N GLN A 599 -28.62 25.09 2.01
CA GLN A 599 -29.05 25.82 3.21
C GLN A 599 -28.65 25.08 4.46
N TRP A 600 -28.76 23.75 4.42
CA TRP A 600 -28.40 22.93 5.57
C TRP A 600 -26.90 23.04 5.85
N GLN A 601 -26.09 23.09 4.78
CA GLN A 601 -24.65 23.35 4.94
C GLN A 601 -24.40 24.72 5.54
N GLN A 602 -25.15 25.72 5.07
CA GLN A 602 -25.02 27.06 5.64
C GLN A 602 -25.27 27.05 7.14
N ALA A 603 -26.32 26.35 7.58
CA ALA A 603 -26.60 26.29 9.01
C ALA A 603 -25.47 25.62 9.78
N LEU A 604 -24.89 24.56 9.21
CA LEU A 604 -23.75 23.90 9.84
C LEU A 604 -22.58 24.85 10.01
N VAL A 605 -22.28 25.63 8.97
CA VAL A 605 -21.17 26.57 9.02
C VAL A 605 -21.46 27.69 10.02
N LEU A 606 -22.70 28.20 10.03
CA LEU A 606 -23.03 29.27 10.98
C LEU A 606 -22.98 28.77 12.42
N GLU A 607 -23.36 27.51 12.65
CA GLU A 607 -23.22 26.94 13.98
C GLU A 607 -21.75 26.92 14.41
N HIS A 608 -20.85 26.59 13.47
CA HIS A 608 -19.42 26.58 13.77
C HIS A 608 -18.92 27.95 14.20
N HIS A 609 -19.55 29.01 13.69
CA HIS A 609 -19.12 30.37 14.00
C HIS A 609 -19.90 30.96 15.18
N GLU B 1 6.14 -6.00 -4.16
CA GLU B 1 5.95 -6.45 -2.78
C GLU B 1 7.16 -6.45 -1.82
N PRO B 2 8.38 -6.17 -2.30
CA PRO B 2 9.44 -5.80 -1.34
C PRO B 2 9.04 -4.57 -0.54
N SER B 3 9.34 -4.60 0.75
CA SER B 3 9.05 -3.48 1.63
C SER B 3 10.15 -2.43 1.56
N GLN B 4 9.77 -1.16 1.59
CA GLN B 4 10.75 -0.09 1.76
C GLN B 4 11.16 0.01 3.24
N GLN B 5 12.18 0.82 3.50
CA GLN B 5 12.66 0.93 4.88
C GLN B 5 11.60 1.53 5.81
N VAL B 6 10.66 2.31 5.27
CA VAL B 6 9.61 2.93 6.06
C VAL B 6 8.25 2.60 5.44
N THR B 7 7.32 2.12 6.28
CA THR B 7 5.93 1.86 5.90
C THR B 7 5.02 2.73 6.76
N GLU B 8 3.83 3.06 6.24
CA GLU B 8 2.89 3.95 6.93
C GLU B 8 1.91 3.14 7.78
N ILE B 9 1.69 3.60 9.02
CA ILE B 9 0.79 2.92 9.95
C ILE B 9 -0.63 3.43 9.84
N TYR B 10 -0.81 4.73 9.60
CA TYR B 10 -2.13 5.34 9.70
C TYR B 10 -2.73 5.51 8.30
N GLN B 11 -3.12 4.37 7.74
CA GLN B 11 -3.73 4.29 6.42
C GLN B 11 -5.24 4.14 6.56
N HIS B 12 -5.97 4.70 5.59
CA HIS B 12 -7.38 4.37 5.42
C HIS B 12 -7.56 2.86 5.26
N HIS B 13 -8.77 2.40 5.55
CA HIS B 13 -9.05 0.99 5.32
C HIS B 13 -9.12 0.71 3.81
N ALA B 14 -8.93 -0.57 3.46
CA ALA B 14 -8.84 -0.95 2.05
C ALA B 14 -10.17 -0.83 1.33
N ASP C 1 1.42 -6.90 -10.85
CA ASP C 1 1.48 -5.66 -11.61
C ASP C 1 2.77 -4.87 -11.30
N TYR C 2 3.36 -4.28 -12.36
CA TYR C 2 4.63 -3.57 -12.24
C TYR C 2 4.38 -2.08 -12.03
N ALA C 3 5.17 -1.49 -11.14
CA ALA C 3 5.11 -0.06 -10.88
C ALA C 3 6.53 0.44 -10.67
N PRO C 4 6.96 1.46 -11.41
CA PRO C 4 8.29 2.03 -11.16
C PRO C 4 8.34 2.77 -9.83
N THR C 5 9.52 2.78 -9.23
CA THR C 5 9.73 3.38 -7.92
C THR C 5 9.55 4.89 -7.97
N LYS C 6 8.88 5.43 -6.95
CA LYS C 6 8.80 6.88 -6.77
C LYS C 6 9.98 7.32 -5.89
N LEU C 7 9.70 7.83 -4.69
CA LEU C 7 10.75 8.36 -3.84
C LEU C 7 11.20 7.33 -2.81
N LEU C 8 12.49 7.36 -2.50
CA LEU C 8 12.99 6.54 -1.40
C LEU C 8 12.84 7.29 -0.07
N PRO C 9 12.69 6.58 1.06
CA PRO C 9 12.47 7.27 2.33
C PRO C 9 13.75 7.89 2.90
N GLN C 10 13.65 9.15 3.32
CA GLN C 10 14.75 9.83 3.98
C GLN C 10 14.78 9.48 5.46
N GLN C 11 15.95 9.64 6.06
CA GLN C 11 16.12 9.37 7.49
C GLN C 11 15.49 10.47 8.31
N PRO C 12 14.62 10.15 9.28
CA PRO C 12 14.04 11.17 10.16
C PRO C 12 15.05 11.73 11.13
#